data_3G3Z
#
_entry.id   3G3Z
#
_cell.length_a   35.001
_cell.length_b   64.367
_cell.length_c   61.066
_cell.angle_alpha   90.00
_cell.angle_beta   91.12
_cell.angle_gamma   90.00
#
_symmetry.space_group_name_H-M   'P 1 21 1'
#
loop_
_entity.id
_entity.type
_entity.pdbx_description
1 polymer 'Transcriptional regulator, MarR family'
2 water water
#
_entity_poly.entity_id   1
_entity_poly.type   'polypeptide(L)'
_entity_poly.pdbx_seq_one_letter_code
;GP(MSE)NQLDQLGTRINLICNVFDKWIGQQDLNYNLFAVLYTLATEGSRTQKHIGEKWSLPKQTVSGVCKTLAGQGLIE
WQEGEQDRRKRLLSLTETGKAYAAPLTESAQEFSDKVFATFGDKRTTRLFADLDALAEV(MSE)EKTISENKK
;
_entity_poly.pdbx_strand_id   A,B
#
# COMPACT_ATOMS: atom_id res chain seq x y z
N MSE A 3 -12.60 -15.07 0.40
CA MSE A 3 -12.44 -16.41 1.04
C MSE A 3 -11.71 -16.31 2.39
O MSE A 3 -12.34 -16.23 3.44
CB MSE A 3 -11.75 -17.40 0.09
CG MSE A 3 -10.71 -16.77 -0.83
SE MSE A 3 -9.87 -18.06 -2.03
CE MSE A 3 -11.47 -18.86 -2.84
N ASN A 4 -10.38 -16.32 2.35
CA ASN A 4 -9.58 -16.19 3.56
C ASN A 4 -9.52 -14.73 4.02
N GLN A 5 -9.56 -14.54 5.33
CA GLN A 5 -9.60 -13.21 5.93
C GLN A 5 -8.38 -12.39 5.52
N LEU A 6 -7.22 -13.01 5.62
CA LEU A 6 -5.94 -12.39 5.32
C LEU A 6 -5.88 -12.00 3.85
N ASP A 7 -6.41 -12.86 3.00
CA ASP A 7 -6.44 -12.62 1.57
C ASP A 7 -7.34 -11.40 1.29
N GLN A 8 -8.48 -11.40 1.96
CA GLN A 8 -9.47 -10.35 1.82
C GLN A 8 -8.95 -9.02 2.31
N LEU A 9 -8.17 -9.05 3.38
CA LEU A 9 -7.55 -7.85 3.93
C LEU A 9 -6.43 -7.36 3.02
N GLY A 10 -5.54 -8.27 2.65
CA GLY A 10 -4.35 -7.92 1.85
C GLY A 10 -4.68 -7.26 0.53
N THR A 11 -5.68 -7.80 -0.17
CA THR A 11 -6.08 -7.24 -1.46
C THR A 11 -6.67 -5.84 -1.26
N ARG A 12 -7.41 -5.63 -0.17
CA ARG A 12 -8.15 -4.38 0.02
C ARG A 12 -7.33 -3.24 0.55
N ILE A 13 -6.34 -3.53 1.39
CA ILE A 13 -5.44 -2.47 1.87
C ILE A 13 -4.50 -2.03 0.74
N ASN A 14 -4.07 -2.99 -0.08
CA ASN A 14 -3.24 -2.68 -1.23
C ASN A 14 -3.98 -1.89 -2.31
N LEU A 15 -5.30 -2.07 -2.39
CA LEU A 15 -6.13 -1.28 -3.31
C LEU A 15 -6.22 0.17 -2.84
N ILE A 16 -6.53 0.39 -1.57
CA ILE A 16 -6.59 1.75 -1.03
C ILE A 16 -5.22 2.43 -1.22
N CYS A 17 -4.16 1.75 -0.82
CA CYS A 17 -2.79 2.25 -1.01
C CYS A 17 -2.51 2.64 -2.47
N ASN A 18 -2.90 1.77 -3.41
CA ASN A 18 -2.80 2.05 -4.84
C ASN A 18 -3.57 3.31 -5.26
N VAL A 19 -4.82 3.42 -4.79
CA VAL A 19 -5.72 4.48 -5.19
C VAL A 19 -5.26 5.82 -4.61
N PHE A 20 -4.73 5.78 -3.39
CA PHE A 20 -4.09 6.92 -2.78
C PHE A 20 -2.89 7.39 -3.62
N ASP A 21 -2.06 6.44 -4.05
CA ASP A 21 -0.94 6.75 -4.93
C ASP A 21 -1.38 7.30 -6.28
N LYS A 22 -2.51 6.81 -6.79
CA LYS A 22 -3.06 7.30 -8.04
C LYS A 22 -3.50 8.75 -7.91
N TRP A 23 -4.20 9.07 -6.81
CA TRP A 23 -4.58 10.45 -6.55
C TRP A 23 -3.34 11.36 -6.49
N ILE A 24 -2.33 10.95 -5.74
CA ILE A 24 -1.08 11.70 -5.65
C ILE A 24 -0.50 11.95 -7.05
N GLY A 25 -0.57 10.92 -7.90
CA GLY A 25 -0.03 11.00 -9.26
C GLY A 25 -0.79 12.01 -10.11
N GLN A 26 -2.08 12.19 -9.81
CA GLN A 26 -2.93 13.17 -10.50
C GLN A 26 -2.62 14.61 -10.12
N GLN A 27 -1.78 14.78 -9.09
CA GLN A 27 -1.23 16.10 -8.75
C GLN A 27 0.10 16.30 -9.47
N ASP A 28 0.46 15.33 -10.31
CA ASP A 28 1.71 15.32 -11.06
C ASP A 28 2.92 15.10 -10.15
N LEU A 29 2.67 14.42 -9.03
CA LEU A 29 3.71 14.12 -8.06
C LEU A 29 3.83 12.62 -7.84
N ASN A 30 4.60 12.24 -6.83
CA ASN A 30 4.66 10.86 -6.42
C ASN A 30 4.66 10.79 -4.89
N TYR A 31 4.55 9.58 -4.37
CA TYR A 31 4.41 9.34 -2.94
C TYR A 31 5.56 9.95 -2.16
N ASN A 32 6.78 9.70 -2.60
CA ASN A 32 7.97 10.19 -1.92
C ASN A 32 8.01 11.73 -1.81
N LEU A 33 7.69 12.42 -2.91
CA LEU A 33 7.64 13.88 -2.92
C LEU A 33 6.51 14.42 -2.07
N PHE A 34 5.35 13.78 -2.18
CA PHE A 34 4.18 14.10 -1.39
C PHE A 34 4.47 14.02 0.10
N ALA A 35 5.13 12.93 0.49
CA ALA A 35 5.48 12.70 1.89
C ALA A 35 6.22 13.92 2.48
N VAL A 36 7.22 14.44 1.78
CA VAL A 36 7.98 15.62 2.23
C VAL A 36 7.13 16.89 2.14
N LEU A 37 6.67 17.20 0.94
CA LEU A 37 5.94 18.46 0.67
C LEU A 37 4.67 18.62 1.50
N TYR A 38 3.86 17.57 1.57
CA TYR A 38 2.60 17.65 2.30
C TYR A 38 2.79 17.68 3.82
N THR A 39 3.74 16.91 4.35
CA THR A 39 4.07 16.98 5.78
C THR A 39 4.52 18.39 6.17
N LEU A 40 5.40 18.97 5.35
CA LEU A 40 5.95 20.27 5.68
C LEU A 40 4.93 21.39 5.56
N ALA A 41 4.01 21.26 4.61
CA ALA A 41 2.99 22.27 4.38
C ALA A 41 1.89 22.28 5.45
N THR A 42 1.64 21.13 6.04
CA THR A 42 0.53 20.97 6.98
C THR A 42 0.97 20.83 8.45
N GLU A 43 2.23 20.48 8.69
CA GLU A 43 2.72 20.32 10.06
C GLU A 43 3.77 21.37 10.41
N GLY A 44 4.31 22.02 9.38
CA GLY A 44 5.43 22.93 9.55
C GLY A 44 6.73 22.15 9.58
N SER A 45 7.70 22.68 10.30
CA SER A 45 9.04 22.10 10.33
C SER A 45 9.06 20.69 10.91
N ARG A 46 9.77 19.81 10.24
CA ARG A 46 9.90 18.43 10.70
C ARG A 46 11.25 17.90 10.23
N THR A 47 11.77 16.91 10.94
CA THR A 47 13.03 16.30 10.53
C THR A 47 12.72 15.27 9.45
N GLN A 48 13.73 14.92 8.67
CA GLN A 48 13.60 13.85 7.68
C GLN A 48 13.10 12.57 8.34
N LYS A 49 13.58 12.31 9.56
CA LYS A 49 13.18 11.14 10.33
C LYS A 49 11.68 11.10 10.61
N HIS A 50 11.12 12.23 11.03
CA HIS A 50 9.68 12.32 11.31
C HIS A 50 8.84 11.99 10.06
N ILE A 51 9.22 12.60 8.94
CA ILE A 51 8.58 12.38 7.65
C ILE A 51 8.68 10.90 7.24
N GLY A 52 9.89 10.34 7.36
CA GLY A 52 10.15 8.94 7.01
C GLY A 52 9.29 7.97 7.81
N GLU A 53 9.21 8.21 9.12
CA GLU A 53 8.38 7.40 10.02
C GLU A 53 6.87 7.56 9.76
N LYS A 54 6.42 8.80 9.62
CA LYS A 54 5.02 9.10 9.31
C LYS A 54 4.52 8.38 8.04
N TRP A 55 5.31 8.42 6.97
CA TRP A 55 4.86 7.88 5.68
C TRP A 55 5.43 6.52 5.37
N SER A 56 6.15 5.95 6.35
CA SER A 56 6.67 4.59 6.25
C SER A 56 7.68 4.46 5.10
N LEU A 57 8.59 5.44 5.02
CA LEU A 57 9.65 5.45 4.01
C LEU A 57 11.05 5.28 4.60
N PRO A 58 11.94 4.58 3.89
CA PRO A 58 13.32 4.45 4.37
C PRO A 58 14.09 5.76 4.28
N LYS A 59 15.09 5.91 5.16
CA LYS A 59 15.86 7.15 5.29
C LYS A 59 16.53 7.62 3.99
N GLN A 60 17.04 6.67 3.20
CA GLN A 60 17.71 6.96 1.93
C GLN A 60 16.76 7.64 0.96
N THR A 61 15.57 7.06 0.84
CA THR A 61 14.51 7.58 -0.02
C THR A 61 14.19 9.01 0.33
N VAL A 62 14.07 9.30 1.63
CA VAL A 62 13.70 10.62 2.10
C VAL A 62 14.79 11.65 1.81
N SER A 63 16.04 11.30 2.15
CA SER A 63 17.18 12.18 1.89
C SER A 63 17.30 12.54 0.42
N GLY A 64 17.06 11.56 -0.44
CA GLY A 64 17.16 11.75 -1.88
C GLY A 64 16.17 12.81 -2.36
N VAL A 65 14.92 12.65 -1.95
CA VAL A 65 13.88 13.57 -2.32
C VAL A 65 14.18 14.97 -1.77
N CYS A 66 14.66 15.03 -0.53
CA CYS A 66 15.02 16.31 0.07
C CYS A 66 16.12 17.03 -0.69
N LYS A 67 17.13 16.28 -1.15
CA LYS A 67 18.20 16.87 -1.96
C LYS A 67 17.65 17.53 -3.23
N THR A 68 16.72 16.86 -3.90
CA THR A 68 16.11 17.40 -5.13
C THR A 68 15.31 18.67 -4.86
N LEU A 69 14.50 18.64 -3.80
CA LEU A 69 13.65 19.77 -3.46
C LEU A 69 14.43 21.02 -3.01
N ALA A 70 15.52 20.79 -2.26
CA ALA A 70 16.40 21.89 -1.83
C ALA A 70 17.10 22.51 -3.03
N GLY A 71 17.55 21.65 -3.96
CA GLY A 71 18.18 22.10 -5.20
C GLY A 71 17.22 22.89 -6.08
N GLN A 72 15.92 22.66 -5.87
CA GLN A 72 14.92 23.45 -6.58
C GLN A 72 14.51 24.68 -5.78
N GLY A 73 15.17 24.89 -4.65
CA GLY A 73 14.89 26.00 -3.75
C GLY A 73 13.54 25.93 -3.04
N LEU A 74 12.94 24.75 -2.99
CA LEU A 74 11.59 24.60 -2.43
C LEU A 74 11.57 24.30 -0.93
N ILE A 75 12.67 23.76 -0.41
CA ILE A 75 12.82 23.45 1.02
C ILE A 75 14.18 23.95 1.54
N GLU A 76 14.37 23.86 2.85
CA GLU A 76 15.63 24.26 3.48
C GLU A 76 15.83 23.63 4.85
N TRP A 77 17.08 23.28 5.16
CA TRP A 77 17.46 22.89 6.50
C TRP A 77 17.79 24.15 7.28
N GLN A 78 17.43 24.18 8.56
CA GLN A 78 17.90 25.25 9.45
C GLN A 78 19.39 25.01 9.72
N GLU A 79 20.08 26.02 10.21
CA GLU A 79 21.51 25.88 10.49
C GLU A 79 21.80 25.38 11.91
N GLY A 80 22.79 24.50 12.03
CA GLY A 80 23.19 23.94 13.32
C GLY A 80 24.45 23.10 13.23
N GLU A 81 24.99 22.75 14.40
CA GLU A 81 26.19 21.92 14.47
C GLU A 81 25.86 20.42 14.58
N GLN A 82 24.96 19.97 13.69
CA GLN A 82 24.64 18.56 13.52
C GLN A 82 24.48 18.32 12.02
N ASP A 83 24.41 17.06 11.60
CA ASP A 83 24.12 16.75 10.19
C ASP A 83 22.75 17.30 9.81
N ARG A 84 22.56 17.57 8.52
CA ARG A 84 21.28 18.08 8.03
C ARG A 84 20.14 17.07 8.19
N ARG A 85 20.49 15.78 8.16
CA ARG A 85 19.52 14.68 8.25
C ARG A 85 18.80 14.64 9.60
N LYS A 86 19.49 15.03 10.67
CA LYS A 86 18.89 15.17 12.00
C LYS A 86 18.48 16.61 12.30
N ARG A 87 18.41 17.46 11.27
CA ARG A 87 18.12 18.88 11.43
C ARG A 87 16.75 19.24 10.83
N LEU A 88 16.10 20.25 11.40
CA LEU A 88 14.74 20.63 11.02
C LEU A 88 14.62 21.09 9.58
N LEU A 89 13.64 20.53 8.90
CA LEU A 89 13.37 20.83 7.51
C LEU A 89 12.19 21.79 7.42
N SER A 90 12.29 22.77 6.53
CA SER A 90 11.31 23.82 6.38
C SER A 90 11.00 24.06 4.90
N LEU A 91 9.75 24.40 4.59
CA LEU A 91 9.41 24.94 3.28
C LEU A 91 9.94 26.37 3.16
N THR A 92 10.58 26.66 2.03
CA THR A 92 10.96 28.03 1.71
C THR A 92 9.73 28.83 1.33
N GLU A 93 9.89 30.12 1.09
CA GLU A 93 8.78 30.92 0.58
C GLU A 93 8.27 30.40 -0.76
N THR A 94 9.19 30.11 -1.68
CA THR A 94 8.81 29.52 -2.97
C THR A 94 8.16 28.15 -2.79
N GLY A 95 8.60 27.40 -1.78
CA GLY A 95 8.00 26.11 -1.43
C GLY A 95 6.56 26.18 -0.95
N LYS A 96 6.24 27.23 -0.21
CA LYS A 96 4.89 27.41 0.34
C LYS A 96 3.88 27.73 -0.76
N ALA A 97 4.23 28.68 -1.63
CA ALA A 97 3.45 28.93 -2.83
C ALA A 97 3.31 27.66 -3.69
N TYR A 98 4.43 26.95 -3.89
CA TYR A 98 4.43 25.66 -4.59
C TYR A 98 3.47 24.64 -3.95
N ALA A 99 3.50 24.55 -2.63
CA ALA A 99 2.69 23.54 -1.91
C ALA A 99 1.21 23.91 -1.75
N ALA A 100 0.89 25.20 -1.83
CA ALA A 100 -0.49 25.67 -1.61
C ALA A 100 -1.56 24.90 -2.40
N PRO A 101 -1.41 24.79 -3.74
CA PRO A 101 -2.42 24.06 -4.55
C PRO A 101 -2.53 22.59 -4.18
N LEU A 102 -1.43 22.00 -3.69
CA LEU A 102 -1.42 20.62 -3.27
C LEU A 102 -2.24 20.42 -2.00
N THR A 103 -2.03 21.28 -1.00
CA THR A 103 -2.83 21.18 0.23
C THR A 103 -4.29 21.42 -0.07
N GLU A 104 -4.57 22.32 -1.00
CA GLU A 104 -5.96 22.62 -1.35
C GLU A 104 -6.66 21.44 -2.01
N SER A 105 -6.02 20.83 -3.00
CA SER A 105 -6.59 19.65 -3.66
C SER A 105 -6.71 18.46 -2.71
N ALA A 106 -5.75 18.33 -1.79
CA ALA A 106 -5.80 17.30 -0.75
C ALA A 106 -6.99 17.49 0.17
N GLN A 107 -7.21 18.73 0.57
CA GLN A 107 -8.34 19.08 1.44
C GLN A 107 -9.65 18.90 0.69
N GLU A 108 -9.66 19.22 -0.61
CA GLU A 108 -10.82 18.97 -1.45
C GLU A 108 -11.12 17.48 -1.60
N PHE A 109 -10.10 16.69 -1.93
CA PHE A 109 -10.25 15.22 -2.01
C PHE A 109 -10.75 14.63 -0.69
N SER A 110 -10.18 15.12 0.42
CA SER A 110 -10.50 14.62 1.75
C SER A 110 -11.95 14.89 2.10
N ASP A 111 -12.43 16.09 1.77
CA ASP A 111 -13.83 16.45 2.01
C ASP A 111 -14.81 15.67 1.13
N LYS A 112 -14.42 15.36 -0.10
CA LYS A 112 -15.30 14.63 -1.00
C LYS A 112 -15.41 13.15 -0.64
N VAL A 113 -14.31 12.57 -0.17
CA VAL A 113 -14.26 11.15 0.13
C VAL A 113 -14.99 10.87 1.44
N PHE A 114 -14.66 11.65 2.45
CA PHE A 114 -15.13 11.37 3.79
C PHE A 114 -16.53 11.92 4.03
N ALA A 115 -16.97 12.80 3.14
CA ALA A 115 -18.37 13.24 3.13
C ALA A 115 -19.28 12.03 2.86
N THR A 116 -18.85 11.14 1.98
CA THR A 116 -19.60 9.93 1.70
C THR A 116 -19.35 8.90 2.80
N PHE A 117 -18.11 8.78 3.25
CA PHE A 117 -17.75 7.71 4.17
C PHE A 117 -18.36 7.89 5.56
N GLY A 118 -18.35 9.12 6.07
CA GLY A 118 -18.92 9.40 7.38
C GLY A 118 -17.86 9.25 8.46
N ASP A 119 -17.90 10.13 9.46
CA ASP A 119 -16.82 10.20 10.44
C ASP A 119 -16.83 9.12 11.54
N LYS A 120 -18.01 8.67 11.98
CA LYS A 120 -18.07 7.56 12.94
C LYS A 120 -17.53 6.29 12.25
N ARG A 121 -17.95 6.07 11.01
CA ARG A 121 -17.46 4.96 10.20
C ARG A 121 -15.96 5.07 9.89
N THR A 122 -15.48 6.30 9.74
CA THR A 122 -14.06 6.57 9.53
C THR A 122 -13.23 6.19 10.77
N THR A 123 -13.74 6.57 11.94
CA THR A 123 -13.15 6.17 13.23
C THR A 123 -13.13 4.66 13.35
N ARG A 124 -14.20 4.01 12.92
CA ARG A 124 -14.29 2.56 13.02
C ARG A 124 -13.25 1.90 12.12
N LEU A 125 -13.10 2.42 10.92
CA LEU A 125 -12.10 1.90 9.99
C LEU A 125 -10.70 2.08 10.57
N PHE A 126 -10.42 3.24 11.14
CA PHE A 126 -9.09 3.55 11.67
C PHE A 126 -8.72 2.63 12.84
N ALA A 127 -9.68 2.41 13.74
CA ALA A 127 -9.49 1.56 14.92
C ALA A 127 -9.27 0.11 14.52
N ASP A 128 -10.02 -0.36 13.53
CA ASP A 128 -9.85 -1.72 13.03
C ASP A 128 -8.50 -1.92 12.34
N LEU A 129 -8.08 -0.92 11.57
CA LEU A 129 -6.78 -0.97 10.91
C LEU A 129 -5.66 -0.88 11.94
N ASP A 130 -5.84 -0.02 12.94
CA ASP A 130 -4.87 0.09 14.03
C ASP A 130 -4.68 -1.25 14.72
N ALA A 131 -5.79 -1.92 15.03
CA ALA A 131 -5.77 -3.19 15.75
C ALA A 131 -5.13 -4.28 14.92
N LEU A 132 -5.51 -4.35 13.64
CA LEU A 132 -4.95 -5.36 12.75
C LEU A 132 -3.44 -5.19 12.62
N ALA A 133 -3.00 -3.96 12.35
CA ALA A 133 -1.58 -3.64 12.25
C ALA A 133 -0.79 -4.03 13.51
N GLU A 134 -1.36 -3.69 14.67
CA GLU A 134 -0.86 -4.11 15.99
C GLU A 134 -0.63 -5.61 16.13
N VAL A 135 -1.67 -6.40 15.86
CA VAL A 135 -1.61 -7.87 16.00
C VAL A 135 -0.63 -8.47 15.00
N MSE A 136 -0.69 -7.96 13.77
CA MSE A 136 0.21 -8.41 12.71
C MSE A 136 1.66 -8.16 13.09
O MSE A 136 2.46 -9.07 12.93
CB MSE A 136 -0.10 -7.72 11.39
CG MSE A 136 -1.43 -8.09 10.80
SE MSE A 136 -1.91 -6.93 9.31
CE MSE A 136 -1.11 -5.27 9.89
N GLU A 137 1.98 -6.95 13.56
CA GLU A 137 3.35 -6.63 13.97
C GLU A 137 3.82 -7.58 15.07
N LYS A 138 2.98 -7.77 16.06
CA LYS A 138 3.28 -8.59 17.23
C LYS A 138 3.49 -10.07 16.86
N THR A 139 2.67 -10.57 15.94
CA THR A 139 2.73 -11.97 15.50
C THR A 139 3.99 -12.25 14.67
N ILE A 140 4.31 -11.30 13.78
CA ILE A 140 5.54 -11.35 12.98
C ILE A 140 6.77 -11.31 13.90
N SER A 141 6.72 -10.47 14.93
CA SER A 141 7.78 -10.41 15.95
C SER A 141 7.95 -11.76 16.64
N GLU A 142 6.84 -12.35 17.08
CA GLU A 142 6.88 -13.66 17.71
C GLU A 142 7.44 -14.74 16.78
N ASN A 143 7.02 -14.72 15.53
CA ASN A 143 7.43 -15.74 14.56
C ASN A 143 8.93 -15.73 14.23
N LYS A 144 9.63 -14.70 14.69
CA LYS A 144 11.08 -14.66 14.63
C LYS A 144 11.64 -15.36 15.86
N MSE B 3 -4.93 15.97 12.62
CA MSE B 3 -4.78 16.30 11.17
C MSE B 3 -6.01 15.90 10.36
O MSE B 3 -6.99 15.36 10.87
CB MSE B 3 -3.54 15.63 10.57
CG MSE B 3 -2.18 16.20 11.01
SE MSE B 3 -1.70 17.90 10.15
CE MSE B 3 -2.40 19.17 11.49
N ASN B 4 -5.91 16.18 9.06
CA ASN B 4 -6.91 15.88 8.04
C ASN B 4 -7.18 14.36 7.90
N GLN B 5 -8.40 13.98 7.53
CA GLN B 5 -8.84 12.57 7.49
C GLN B 5 -8.07 11.74 6.46
N LEU B 6 -7.86 12.36 5.29
CA LEU B 6 -7.06 11.79 4.21
C LEU B 6 -5.64 11.49 4.71
N ASP B 7 -5.08 12.38 5.52
CA ASP B 7 -3.73 12.19 6.07
C ASP B 7 -3.74 11.02 7.05
N GLN B 8 -4.76 11.01 7.91
CA GLN B 8 -4.94 9.94 8.88
C GLN B 8 -5.12 8.59 8.20
N LEU B 9 -5.77 8.57 7.04
CA LEU B 9 -5.98 7.34 6.30
C LEU B 9 -4.70 6.92 5.58
N GLY B 10 -4.10 7.86 4.86
CA GLY B 10 -2.90 7.59 4.05
C GLY B 10 -1.75 7.00 4.82
N THR B 11 -1.43 7.60 5.97
CA THR B 11 -0.35 7.13 6.83
C THR B 11 -0.64 5.70 7.30
N ARG B 12 -1.88 5.50 7.77
CA ARG B 12 -2.38 4.19 8.22
C ARG B 12 -2.28 3.07 7.20
N ILE B 13 -2.90 3.26 6.03
CA ILE B 13 -2.89 2.21 5.00
C ILE B 13 -1.47 1.89 4.53
N ASN B 14 -0.62 2.90 4.46
CA ASN B 14 0.79 2.71 4.10
C ASN B 14 1.56 1.91 5.15
N LEU B 15 1.29 2.21 6.42
CA LEU B 15 1.81 1.42 7.53
C LEU B 15 1.36 -0.03 7.41
N ILE B 16 0.05 -0.25 7.27
CA ILE B 16 -0.49 -1.62 7.23
C ILE B 16 -0.06 -2.44 5.99
N CYS B 17 0.04 -1.79 4.82
CA CYS B 17 0.60 -2.46 3.63
C CYS B 17 2.07 -2.91 3.83
N ASN B 18 2.85 -2.05 4.48
CA ASN B 18 4.23 -2.37 4.82
C ASN B 18 4.36 -3.53 5.77
N VAL B 19 3.45 -3.57 6.75
CA VAL B 19 3.38 -4.68 7.68
C VAL B 19 3.05 -5.98 6.93
N PHE B 20 2.04 -5.94 6.06
CA PHE B 20 1.69 -7.11 5.25
C PHE B 20 2.85 -7.59 4.39
N ASP B 21 3.56 -6.65 3.77
CA ASP B 21 4.78 -6.95 2.99
C ASP B 21 5.87 -7.58 3.86
N LYS B 22 5.95 -7.15 5.11
CA LYS B 22 6.90 -7.70 6.06
C LYS B 22 6.59 -9.17 6.38
N TRP B 23 5.31 -9.49 6.54
CA TRP B 23 4.89 -10.87 6.75
C TRP B 23 5.22 -11.76 5.55
N ILE B 24 5.01 -11.21 4.35
CA ILE B 24 5.33 -11.90 3.10
C ILE B 24 6.83 -12.19 3.03
N GLY B 25 7.63 -11.21 3.46
CA GLY B 25 9.08 -11.35 3.56
C GLY B 25 9.51 -12.48 4.47
N GLN B 26 8.80 -12.66 5.60
CA GLN B 26 9.01 -13.80 6.49
C GLN B 26 8.74 -15.13 5.79
N GLN B 27 7.89 -15.13 4.76
CA GLN B 27 7.61 -16.35 4.01
C GLN B 27 8.68 -16.63 2.94
N ASP B 28 9.72 -15.80 2.94
CA ASP B 28 10.80 -15.85 1.94
C ASP B 28 10.33 -15.59 0.51
N LEU B 29 9.49 -14.57 0.39
CA LEU B 29 8.96 -14.11 -0.88
C LEU B 29 8.92 -12.59 -0.84
N ASN B 30 8.57 -11.99 -1.97
CA ASN B 30 8.18 -10.60 -2.04
C ASN B 30 6.72 -10.54 -2.44
N TYR B 31 6.14 -9.34 -2.42
CA TYR B 31 4.72 -9.13 -2.70
C TYR B 31 4.34 -9.64 -4.08
N ASN B 32 5.16 -9.32 -5.08
CA ASN B 32 4.95 -9.73 -6.47
C ASN B 32 4.90 -11.23 -6.68
N LEU B 33 5.81 -11.97 -6.03
CA LEU B 33 5.84 -13.42 -6.14
C LEU B 33 4.63 -14.01 -5.44
N PHE B 34 4.35 -13.50 -4.24
CA PHE B 34 3.20 -13.89 -3.44
C PHE B 34 1.88 -13.72 -4.21
N ALA B 35 1.72 -12.54 -4.83
CA ALA B 35 0.52 -12.25 -5.60
C ALA B 35 0.18 -13.36 -6.60
N VAL B 36 1.20 -13.90 -7.25
CA VAL B 36 0.99 -14.95 -8.25
C VAL B 36 0.83 -16.29 -7.55
N LEU B 37 1.74 -16.59 -6.64
CA LEU B 37 1.77 -17.91 -6.03
C LEU B 37 0.54 -18.15 -5.17
N TYR B 38 0.25 -17.18 -4.30
CA TYR B 38 -0.86 -17.33 -3.38
C TYR B 38 -2.23 -17.38 -4.06
N THR B 39 -2.43 -16.53 -5.08
CA THR B 39 -3.69 -16.52 -5.82
C THR B 39 -3.95 -17.90 -6.47
N LEU B 40 -2.95 -18.41 -7.17
CA LEU B 40 -3.11 -19.68 -7.88
C LEU B 40 -3.30 -20.84 -6.92
N ALA B 41 -2.64 -20.75 -5.76
CA ALA B 41 -2.78 -21.78 -4.73
C ALA B 41 -4.17 -21.79 -4.09
N THR B 42 -4.75 -20.61 -3.90
CA THR B 42 -6.02 -20.51 -3.18
C THR B 42 -7.22 -20.45 -4.11
N GLU B 43 -7.09 -19.76 -5.25
CA GLU B 43 -8.21 -19.63 -6.17
C GLU B 43 -8.21 -20.70 -7.26
N GLY B 44 -7.07 -21.34 -7.47
CA GLY B 44 -6.91 -22.25 -8.62
C GLY B 44 -6.48 -21.42 -9.81
N SER B 45 -6.75 -21.95 -11.00
CA SER B 45 -6.33 -21.35 -12.27
C SER B 45 -6.94 -19.96 -12.50
N ARG B 46 -6.06 -19.01 -12.78
CA ARG B 46 -6.44 -17.62 -13.03
C ARG B 46 -5.53 -17.02 -14.08
N THR B 47 -6.03 -15.98 -14.75
CA THR B 47 -5.27 -15.24 -15.76
C THR B 47 -4.31 -14.22 -15.11
N GLN B 48 -3.26 -13.83 -15.85
CA GLN B 48 -2.34 -12.78 -15.41
C GLN B 48 -3.08 -11.47 -15.09
N LYS B 49 -4.10 -11.19 -15.90
CA LYS B 49 -4.93 -10.00 -15.74
C LYS B 49 -5.62 -10.03 -14.38
N HIS B 50 -6.18 -11.19 -14.05
CA HIS B 50 -6.90 -11.38 -12.79
C HIS B 50 -5.99 -11.20 -11.58
N ILE B 51 -4.83 -11.85 -11.64
CA ILE B 51 -3.82 -11.75 -10.59
C ILE B 51 -3.43 -10.28 -10.37
N GLY B 52 -3.21 -9.55 -11.47
CA GLY B 52 -2.80 -8.16 -11.42
C GLY B 52 -3.86 -7.22 -10.86
N GLU B 53 -5.11 -7.47 -11.24
CA GLU B 53 -6.23 -6.69 -10.73
C GLU B 53 -6.52 -6.97 -9.26
N LYS B 54 -6.47 -8.26 -8.90
CA LYS B 54 -6.65 -8.68 -7.51
C LYS B 54 -5.63 -8.01 -6.57
N TRP B 55 -4.35 -8.06 -6.93
CA TRP B 55 -3.30 -7.52 -6.06
C TRP B 55 -2.82 -6.10 -6.39
N SER B 56 -3.56 -5.43 -7.27
CA SER B 56 -3.26 -4.04 -7.66
C SER B 56 -1.85 -3.91 -8.22
N LEU B 57 -1.50 -4.81 -9.14
CA LEU B 57 -0.20 -4.78 -9.82
C LEU B 57 -0.37 -4.55 -11.33
N PRO B 58 0.54 -3.76 -11.94
CA PRO B 58 0.48 -3.55 -13.40
C PRO B 58 0.83 -4.81 -14.20
N LYS B 59 0.42 -4.87 -15.46
CA LYS B 59 0.60 -6.07 -16.28
C LYS B 59 2.06 -6.52 -16.34
N GLN B 60 2.97 -5.56 -16.39
CA GLN B 60 4.39 -5.82 -16.59
C GLN B 60 5.01 -6.50 -15.38
N THR B 61 4.58 -6.08 -14.20
CA THR B 61 4.98 -6.72 -12.95
C THR B 61 4.58 -8.20 -12.99
N VAL B 62 3.31 -8.47 -13.25
CA VAL B 62 2.77 -9.84 -13.33
C VAL B 62 3.48 -10.66 -14.40
N SER B 63 3.71 -10.06 -15.58
CA SER B 63 4.42 -10.71 -16.67
C SER B 63 5.81 -11.13 -16.24
N GLY B 64 6.50 -10.22 -15.55
CA GLY B 64 7.86 -10.46 -15.09
C GLY B 64 7.94 -11.64 -14.13
N VAL B 65 7.11 -11.60 -13.08
CA VAL B 65 7.04 -12.68 -12.11
C VAL B 65 6.64 -14.00 -12.76
N CYS B 66 5.73 -13.95 -13.73
CA CYS B 66 5.31 -15.18 -14.40
C CYS B 66 6.42 -15.79 -15.26
N LYS B 67 7.27 -14.95 -15.83
CA LYS B 67 8.45 -15.42 -16.56
C LYS B 67 9.34 -16.27 -15.66
N THR B 68 9.69 -15.69 -14.51
CA THR B 68 10.58 -16.31 -13.54
C THR B 68 10.01 -17.61 -12.98
N LEU B 69 8.74 -17.57 -12.54
CA LEU B 69 8.10 -18.75 -11.96
C LEU B 69 7.96 -19.90 -12.97
N ALA B 70 7.65 -19.56 -14.22
CA ALA B 70 7.55 -20.54 -15.30
C ALA B 70 8.89 -21.17 -15.66
N GLY B 71 9.95 -20.37 -15.60
CA GLY B 71 11.31 -20.87 -15.82
C GLY B 71 11.78 -21.76 -14.70
N GLN B 72 11.31 -21.50 -13.48
CA GLN B 72 11.57 -22.34 -12.32
C GLN B 72 10.70 -23.61 -12.35
N GLY B 73 9.84 -23.71 -13.36
CA GLY B 73 8.96 -24.87 -13.53
C GLY B 73 7.82 -24.92 -12.55
N LEU B 74 7.51 -23.78 -11.93
CA LEU B 74 6.51 -23.76 -10.87
C LEU B 74 5.08 -23.51 -11.38
N ILE B 75 4.98 -22.77 -12.49
CA ILE B 75 3.69 -22.51 -13.13
C ILE B 75 3.71 -22.93 -14.59
N GLU B 76 2.52 -22.97 -15.18
CA GLU B 76 2.36 -23.28 -16.59
C GLU B 76 1.09 -22.61 -17.08
N TRP B 77 1.11 -22.20 -18.34
CA TRP B 77 -0.08 -21.67 -19.00
C TRP B 77 -0.78 -22.83 -19.69
N GLN B 78 -2.10 -22.90 -19.52
CA GLN B 78 -2.92 -23.82 -20.28
C GLN B 78 -2.76 -23.56 -21.78
N GLU B 79 -2.70 -24.63 -22.57
CA GLU B 79 -2.64 -24.51 -24.03
C GLU B 79 -3.93 -23.90 -24.60
N GLY B 80 -3.82 -23.30 -25.78
CA GLY B 80 -4.96 -22.65 -26.41
C GLY B 80 -4.56 -21.74 -27.55
N GLU B 81 -5.57 -21.20 -28.23
CA GLU B 81 -5.37 -20.33 -29.39
C GLU B 81 -5.11 -18.87 -29.02
N GLN B 82 -5.62 -18.46 -27.86
CA GLN B 82 -5.42 -17.10 -27.34
C GLN B 82 -3.94 -16.82 -27.09
N ASP B 83 -3.57 -15.55 -27.03
CA ASP B 83 -2.22 -15.14 -26.65
C ASP B 83 -1.89 -15.71 -25.28
N ARG B 84 -0.65 -16.14 -25.08
CA ARG B 84 -0.21 -16.71 -23.80
C ARG B 84 -0.75 -15.96 -22.59
N ARG B 85 -0.64 -14.63 -22.61
CA ARG B 85 -1.03 -13.78 -21.49
C ARG B 85 -2.52 -13.84 -21.15
N LYS B 86 -3.35 -14.26 -22.09
CA LYS B 86 -4.78 -14.40 -21.84
C LYS B 86 -5.16 -15.83 -21.41
N ARG B 87 -4.26 -16.78 -21.58
CA ARG B 87 -4.53 -18.18 -21.23
C ARG B 87 -4.37 -18.39 -19.72
N LEU B 88 -5.10 -19.38 -19.20
CA LEU B 88 -5.11 -19.70 -17.77
C LEU B 88 -3.78 -20.22 -17.25
N LEU B 89 -3.34 -19.61 -16.17
CA LEU B 89 -2.13 -19.96 -15.47
C LEU B 89 -2.50 -20.97 -14.41
N SER B 90 -1.58 -21.90 -14.14
CA SER B 90 -1.80 -22.90 -13.13
C SER B 90 -0.49 -23.27 -12.46
N LEU B 91 -0.55 -23.56 -11.17
CA LEU B 91 0.58 -24.15 -10.46
C LEU B 91 0.84 -25.55 -11.02
N THR B 92 2.11 -25.86 -11.24
CA THR B 92 2.53 -27.21 -11.59
C THR B 92 2.51 -28.08 -10.33
N GLU B 93 2.84 -29.36 -10.48
CA GLU B 93 2.95 -30.23 -9.30
C GLU B 93 3.99 -29.68 -8.31
N THR B 94 5.15 -29.26 -8.80
CA THR B 94 6.18 -28.68 -7.92
C THR B 94 5.69 -27.37 -7.33
N GLY B 95 4.86 -26.66 -8.10
CA GLY B 95 4.29 -25.39 -7.64
C GLY B 95 3.35 -25.59 -6.48
N LYS B 96 2.50 -26.60 -6.60
CA LYS B 96 1.56 -26.98 -5.55
C LYS B 96 2.29 -27.36 -4.25
N ALA B 97 3.35 -28.15 -4.37
CA ALA B 97 4.16 -28.55 -3.22
C ALA B 97 4.83 -27.34 -2.59
N TYR B 98 5.37 -26.48 -3.45
CA TYR B 98 6.03 -25.25 -3.01
C TYR B 98 5.09 -24.28 -2.31
N ALA B 99 3.82 -24.27 -2.72
CA ALA B 99 2.84 -23.33 -2.16
C ALA B 99 2.11 -23.86 -0.94
N ALA B 100 2.13 -25.19 -0.76
CA ALA B 100 1.45 -25.79 0.38
C ALA B 100 1.83 -25.16 1.72
N PRO B 101 3.15 -25.00 2.01
CA PRO B 101 3.55 -24.36 3.26
C PRO B 101 3.03 -22.94 3.35
N LEU B 102 3.02 -22.24 2.22
CA LEU B 102 2.61 -20.84 2.18
C LEU B 102 1.14 -20.68 2.55
N THR B 103 0.31 -21.56 2.02
CA THR B 103 -1.12 -21.52 2.29
C THR B 103 -1.40 -21.81 3.77
N GLU B 104 -0.66 -22.77 4.32
CA GLU B 104 -0.78 -23.13 5.73
C GLU B 104 -0.36 -21.99 6.64
N SER B 105 0.83 -21.44 6.39
CA SER B 105 1.33 -20.37 7.23
C SER B 105 0.47 -19.11 7.08
N ALA B 106 -0.21 -18.97 5.92
CA ALA B 106 -1.15 -17.86 5.70
C ALA B 106 -2.42 -18.01 6.55
N GLN B 107 -2.93 -19.23 6.64
CA GLN B 107 -4.12 -19.54 7.44
C GLN B 107 -3.82 -19.34 8.91
N GLU B 108 -2.63 -19.77 9.32
CA GLU B 108 -2.15 -19.61 10.69
C GLU B 108 -2.12 -18.13 11.06
N PHE B 109 -1.41 -17.34 10.26
CA PHE B 109 -1.30 -15.89 10.46
C PHE B 109 -2.68 -15.25 10.46
N SER B 110 -3.52 -15.66 9.52
CA SER B 110 -4.90 -15.17 9.43
C SER B 110 -5.72 -15.41 10.69
N ASP B 111 -5.52 -16.57 11.31
CA ASP B 111 -6.30 -16.96 12.49
C ASP B 111 -5.87 -16.17 13.70
N LYS B 112 -4.57 -16.08 13.95
CA LYS B 112 -4.06 -15.27 15.05
C LYS B 112 -4.51 -13.83 14.88
N VAL B 113 -4.41 -13.34 13.65
CA VAL B 113 -4.58 -11.93 13.36
C VAL B 113 -6.03 -11.43 13.55
N PHE B 114 -7.00 -12.26 13.15
CA PHE B 114 -8.40 -11.89 13.24
C PHE B 114 -9.11 -12.40 14.50
N ALA B 115 -8.34 -12.97 15.41
CA ALA B 115 -8.85 -13.49 16.67
C ALA B 115 -9.90 -12.58 17.34
N THR B 116 -9.62 -11.28 17.45
CA THR B 116 -10.53 -10.37 18.14
C THR B 116 -11.75 -9.90 17.31
N PHE B 117 -11.73 -10.23 16.02
CA PHE B 117 -12.81 -9.87 15.11
C PHE B 117 -13.77 -11.05 14.95
N GLY B 118 -15.06 -10.77 14.81
CA GLY B 118 -16.00 -11.77 14.33
C GLY B 118 -16.06 -11.68 12.82
N ASP B 119 -16.63 -12.69 12.17
CA ASP B 119 -16.83 -12.65 10.71
C ASP B 119 -17.80 -11.54 10.27
N LYS B 120 -18.79 -11.26 11.11
CA LYS B 120 -19.72 -10.14 10.92
C LYS B 120 -18.93 -8.84 10.78
N ARG B 121 -18.06 -8.59 11.76
CA ARG B 121 -17.22 -7.39 11.79
C ARG B 121 -16.28 -7.31 10.59
N THR B 122 -15.67 -8.43 10.25
CA THR B 122 -14.71 -8.41 9.15
C THR B 122 -15.40 -8.20 7.80
N THR B 123 -16.50 -8.92 7.54
CA THR B 123 -17.30 -8.69 6.34
C THR B 123 -17.60 -7.20 6.17
N ARG B 124 -17.99 -6.55 7.27
CA ARG B 124 -18.32 -5.12 7.29
C ARG B 124 -17.09 -4.24 7.05
N LEU B 125 -15.97 -4.58 7.70
CA LEU B 125 -14.70 -3.94 7.45
C LEU B 125 -14.28 -4.04 5.97
N PHE B 126 -14.45 -5.24 5.39
CA PHE B 126 -14.13 -5.44 3.98
C PHE B 126 -15.06 -4.67 3.06
N ALA B 127 -16.35 -4.61 3.40
CA ALA B 127 -17.29 -3.78 2.66
C ALA B 127 -16.98 -2.29 2.82
N ASP B 128 -16.48 -1.90 4.00
CA ASP B 128 -16.06 -0.51 4.26
C ASP B 128 -14.87 -0.11 3.39
N LEU B 129 -13.87 -0.98 3.35
CA LEU B 129 -12.71 -0.76 2.49
C LEU B 129 -13.12 -0.66 1.02
N ASP B 130 -13.98 -1.57 0.57
CA ASP B 130 -14.55 -1.50 -0.78
C ASP B 130 -15.27 -0.18 -1.05
N ALA B 131 -16.16 0.21 -0.14
CA ALA B 131 -16.87 1.49 -0.25
C ALA B 131 -15.87 2.62 -0.33
N LEU B 132 -14.86 2.59 0.55
CA LEU B 132 -13.82 3.60 0.57
C LEU B 132 -13.12 3.70 -0.79
N ALA B 133 -12.69 2.55 -1.30
CA ALA B 133 -12.06 2.50 -2.61
C ALA B 133 -12.96 3.12 -3.69
N GLU B 134 -14.23 2.71 -3.72
CA GLU B 134 -15.22 3.24 -4.68
C GLU B 134 -15.32 4.78 -4.72
N VAL B 135 -15.46 5.40 -3.54
CA VAL B 135 -15.59 6.86 -3.44
C VAL B 135 -14.35 7.53 -4.01
N MSE B 136 -13.19 7.01 -3.62
CA MSE B 136 -11.90 7.53 -4.03
C MSE B 136 -11.71 7.44 -5.54
O MSE B 136 -11.30 8.41 -6.18
CB MSE B 136 -10.76 6.83 -3.28
CG MSE B 136 -10.68 7.15 -1.79
SE MSE B 136 -9.35 6.04 -0.81
CE MSE B 136 -9.42 4.47 -1.92
N GLU B 137 -12.01 6.27 -6.12
CA GLU B 137 -11.90 6.06 -7.56
C GLU B 137 -12.86 6.98 -8.34
N LYS B 138 -14.07 7.11 -7.82
CA LYS B 138 -15.11 7.92 -8.47
C LYS B 138 -14.71 9.40 -8.48
N THR B 139 -14.20 9.88 -7.35
CA THR B 139 -13.74 11.27 -7.19
C THR B 139 -12.55 11.55 -8.10
N ILE B 140 -11.66 10.56 -8.22
CA ILE B 140 -10.53 10.63 -9.13
C ILE B 140 -11.00 10.67 -10.60
N SER B 141 -11.97 9.82 -10.96
CA SER B 141 -12.54 9.82 -12.32
C SER B 141 -13.09 11.18 -12.70
N GLU B 142 -13.83 11.79 -11.76
CA GLU B 142 -14.41 13.12 -11.96
C GLU B 142 -13.34 14.13 -12.35
N ASN B 143 -12.23 14.14 -11.60
CA ASN B 143 -11.13 15.07 -11.83
C ASN B 143 -10.38 14.87 -13.14
N LYS B 144 -10.45 13.66 -13.70
CA LYS B 144 -9.85 13.38 -15.01
C LYS B 144 -10.64 14.04 -16.15
#